data_1P9A
#
_entry.id   1P9A
#
_cell.length_a   51.734
_cell.length_b   51.734
_cell.length_c   114.041
_cell.angle_alpha   90.00
_cell.angle_beta   90.00
_cell.angle_gamma   90.00
#
_symmetry.space_group_name_H-M   'P 43'
#
loop_
_entity.id
_entity.type
_entity.pdbx_description
1 polymer 'Platelet glycoprotein Ib alpha chain precursor'
2 branched beta-D-mannopyranose-(1-3)-beta-D-mannopyranose-(1-4)-2-acetamido-2-deoxy-beta-D-glucopyranose-(1-4)-2-acetamido-2-deoxy-beta-D-glucopyranose
3 water water
#
_entity_poly.entity_id   1
_entity_poly.type   'polypeptide(L)'
_entity_poly.pdbx_seq_one_letter_code
;HPICEVSKVASHLEVNCDKRNLTALPPDLPKDTTILHLSENLLYTFSLATLMPYTRLTQLNLDRAELTKLQVDGTLPVLG
TLDLSHNQLQSLPLLGQTLPALTVLDVSFNRLTSLPLGALRGLGELQELYLKGNELKTLPPGLLTPTPKLEKLSLANNNL
TELPAGLLNGLENLDTLLLQENSLYTIPKGFFGSHLLPFAFLHGNPWLCNCEILYFRRWLQDNAENVYVWKQGVDVKAMT
SNVASVQCDNSDKFPVYKYPGKGCPTLGDEGDTDLYDYYPEEDTEGDKVR
;
_entity_poly.pdbx_strand_id   G
#
# COMPACT_ATOMS: atom_id res chain seq x y z
N HIS A 1 29.26 3.69 -12.57
CA HIS A 1 29.40 5.16 -12.70
C HIS A 1 29.13 5.62 -14.14
N PRO A 2 29.82 5.02 -15.13
CA PRO A 2 29.61 5.39 -16.54
C PRO A 2 28.29 4.88 -17.12
N ILE A 3 27.86 3.71 -16.66
CA ILE A 3 26.63 3.11 -17.15
C ILE A 3 25.37 3.84 -16.65
N CYS A 4 25.36 4.23 -15.38
CA CYS A 4 24.21 4.91 -14.81
C CYS A 4 24.52 6.36 -14.46
N GLU A 5 23.47 7.15 -14.28
CA GLU A 5 23.60 8.57 -13.94
C GLU A 5 23.73 8.72 -12.42
N VAL A 6 24.72 9.51 -11.99
CA VAL A 6 24.96 9.72 -10.56
C VAL A 6 24.84 11.20 -10.19
N SER A 7 24.20 11.49 -9.07
CA SER A 7 24.04 12.86 -8.60
C SER A 7 24.33 12.93 -7.10
N LYS A 8 25.28 13.78 -6.71
CA LYS A 8 25.69 13.93 -5.31
C LYS A 8 25.23 15.25 -4.68
N VAL A 9 25.98 15.70 -3.69
CA VAL A 9 25.74 16.95 -2.96
C VAL A 9 24.76 16.82 -1.79
N ALA A 10 25.18 17.33 -0.64
CA ALA A 10 24.40 17.33 0.59
C ALA A 10 23.60 16.05 0.83
N SER A 11 22.28 16.19 0.84
CA SER A 11 21.35 15.09 1.08
C SER A 11 21.93 13.69 0.97
N HIS A 12 22.41 13.33 -0.22
CA HIS A 12 22.96 11.99 -0.43
C HIS A 12 23.46 11.75 -1.84
N LEU A 13 23.64 10.47 -2.19
CA LEU A 13 24.12 10.07 -3.50
C LEU A 13 23.06 9.21 -4.19
N GLU A 14 22.46 9.75 -5.25
CA GLU A 14 21.42 9.05 -5.98
C GLU A 14 21.94 8.50 -7.31
N VAL A 15 21.74 7.21 -7.52
CA VAL A 15 22.20 6.56 -8.75
C VAL A 15 21.02 6.14 -9.62
N ASN A 16 20.96 6.67 -10.83
CA ASN A 16 19.87 6.37 -11.75
C ASN A 16 20.30 5.38 -12.82
N CYS A 17 19.80 4.14 -12.72
CA CYS A 17 20.10 3.09 -13.68
C CYS A 17 18.84 2.69 -14.46
N ASP A 18 17.88 3.60 -14.57
CA ASP A 18 16.62 3.30 -15.27
C ASP A 18 16.74 3.10 -16.78
N LYS A 19 15.90 2.22 -17.32
CA LYS A 19 15.84 1.96 -18.77
C LYS A 19 17.17 1.66 -19.44
N ARG A 20 17.92 0.70 -18.92
CA ARG A 20 19.20 0.37 -19.53
C ARG A 20 19.37 -1.10 -19.89
N ASN A 21 18.25 -1.77 -20.12
CA ASN A 21 18.25 -3.18 -20.49
C ASN A 21 19.06 -4.05 -19.54
N LEU A 22 19.22 -3.58 -18.31
CA LEU A 22 19.98 -4.33 -17.31
C LEU A 22 19.23 -5.58 -16.92
N THR A 23 19.96 -6.68 -16.77
CA THR A 23 19.36 -7.95 -16.38
C THR A 23 19.83 -8.32 -14.99
N ALA A 24 20.71 -7.48 -14.43
CA ALA A 24 21.25 -7.70 -13.11
C ALA A 24 21.87 -6.41 -12.61
N LEU A 25 22.25 -6.39 -11.34
CA LEU A 25 22.85 -5.21 -10.74
C LEU A 25 24.21 -4.93 -11.36
N PRO A 26 24.44 -3.70 -11.83
CA PRO A 26 25.73 -3.36 -12.44
C PRO A 26 26.83 -3.45 -11.39
N PRO A 27 27.89 -4.23 -11.67
CA PRO A 27 28.99 -4.37 -10.70
C PRO A 27 29.74 -3.07 -10.46
N ASP A 28 29.46 -2.06 -11.27
CA ASP A 28 30.11 -0.77 -11.16
C ASP A 28 29.19 0.29 -10.54
N LEU A 29 29.10 0.30 -9.22
CA LEU A 29 28.25 1.27 -8.53
C LEU A 29 28.95 1.85 -7.30
N PRO A 30 28.79 3.16 -7.08
CA PRO A 30 29.41 3.83 -5.93
C PRO A 30 29.06 3.09 -4.65
N LYS A 31 30.08 2.70 -3.89
CA LYS A 31 29.85 1.97 -2.65
C LYS A 31 29.04 2.75 -1.62
N ASP A 32 29.01 4.07 -1.77
CA ASP A 32 28.27 4.92 -0.84
C ASP A 32 26.89 5.35 -1.34
N THR A 33 26.40 4.68 -2.37
CA THR A 33 25.08 4.99 -2.94
C THR A 33 24.00 4.90 -1.86
N THR A 34 23.15 5.91 -1.78
CA THR A 34 22.08 5.93 -0.79
C THR A 34 20.70 5.66 -1.42
N ILE A 35 20.54 6.04 -2.68
CA ILE A 35 19.28 5.83 -3.40
C ILE A 35 19.63 5.19 -4.74
N LEU A 36 19.00 4.07 -5.06
CA LEU A 36 19.27 3.38 -6.31
C LEU A 36 18.00 3.15 -7.11
N HIS A 37 18.00 3.63 -8.35
CA HIS A 37 16.86 3.46 -9.25
C HIS A 37 17.22 2.42 -10.31
N LEU A 38 16.45 1.33 -10.35
CA LEU A 38 16.67 0.28 -11.34
C LEU A 38 15.37 0.03 -12.11
N SER A 39 14.52 1.04 -12.17
CA SER A 39 13.24 0.95 -12.87
C SER A 39 13.39 0.73 -14.38
N GLU A 40 12.34 0.17 -14.98
CA GLU A 40 12.30 -0.06 -16.42
C GLU A 40 13.42 -0.92 -16.99
N ASN A 41 13.87 -1.91 -16.24
CA ASN A 41 14.91 -2.81 -16.72
C ASN A 41 14.33 -4.20 -16.92
N LEU A 42 15.18 -5.19 -17.11
CA LEU A 42 14.71 -6.56 -17.33
C LEU A 42 15.17 -7.48 -16.21
N LEU A 43 14.70 -7.19 -15.01
CA LEU A 43 15.08 -7.96 -13.83
C LEU A 43 14.07 -9.05 -13.50
N TYR A 44 13.91 -10.01 -14.40
CA TYR A 44 12.97 -11.09 -14.16
C TYR A 44 13.25 -11.74 -12.81
N THR A 45 14.52 -11.79 -12.45
CA THR A 45 14.94 -12.34 -11.17
C THR A 45 15.92 -11.35 -10.57
N PHE A 46 15.89 -11.18 -9.25
CA PHE A 46 16.79 -10.26 -8.57
C PHE A 46 17.04 -10.76 -7.15
N SER A 47 18.28 -10.61 -6.69
CA SER A 47 18.64 -11.05 -5.35
C SER A 47 19.02 -9.86 -4.48
N LEU A 48 18.29 -9.68 -3.39
CA LEU A 48 18.57 -8.56 -2.48
C LEU A 48 19.97 -8.64 -1.89
N ALA A 49 20.47 -9.86 -1.71
CA ALA A 49 21.81 -10.08 -1.14
C ALA A 49 22.92 -9.40 -1.95
N THR A 50 22.67 -9.17 -3.23
CA THR A 50 23.68 -8.53 -4.07
C THR A 50 23.91 -7.07 -3.71
N LEU A 51 23.03 -6.52 -2.89
CA LEU A 51 23.14 -5.13 -2.48
C LEU A 51 23.83 -4.94 -1.11
N MET A 52 24.18 -6.05 -0.46
CA MET A 52 24.82 -5.94 0.86
C MET A 52 26.08 -5.07 0.89
N PRO A 53 26.85 -5.03 -0.21
CA PRO A 53 28.06 -4.20 -0.22
C PRO A 53 27.80 -2.70 -0.10
N TYR A 54 26.57 -2.29 -0.41
CA TYR A 54 26.19 -0.87 -0.33
C TYR A 54 25.53 -0.58 1.01
N THR A 55 26.38 -0.37 2.02
CA THR A 55 25.95 -0.12 3.40
C THR A 55 25.15 1.15 3.71
N ARG A 56 25.11 2.11 2.81
CA ARG A 56 24.36 3.34 3.06
C ARG A 56 23.07 3.40 2.24
N LEU A 57 22.75 2.33 1.53
CA LEU A 57 21.54 2.28 0.68
C LEU A 57 20.26 2.31 1.50
N THR A 58 19.48 3.38 1.37
CA THR A 58 18.23 3.50 2.11
C THR A 58 16.97 3.41 1.25
N GLN A 59 17.12 3.58 -0.05
CA GLN A 59 15.96 3.51 -0.96
C GLN A 59 16.30 2.75 -2.24
N LEU A 60 15.46 1.77 -2.56
CA LEU A 60 15.65 0.95 -3.75
C LEU A 60 14.38 0.88 -4.58
N ASN A 61 14.48 1.25 -5.85
CA ASN A 61 13.32 1.23 -6.74
C ASN A 61 13.53 0.17 -7.81
N LEU A 62 12.75 -0.91 -7.74
CA LEU A 62 12.83 -1.99 -8.72
C LEU A 62 11.51 -2.09 -9.49
N ASP A 63 10.83 -0.96 -9.63
CA ASP A 63 9.55 -0.92 -10.32
C ASP A 63 9.61 -0.98 -11.85
N ARG A 64 8.56 -1.51 -12.46
CA ARG A 64 8.46 -1.61 -13.92
C ARG A 64 9.66 -2.35 -14.49
N ALA A 65 10.12 -3.39 -13.80
CA ALA A 65 11.30 -4.12 -14.24
C ALA A 65 11.10 -5.61 -14.50
N GLU A 66 9.86 -6.00 -14.79
CA GLU A 66 9.55 -7.40 -15.07
C GLU A 66 9.91 -8.34 -13.94
N LEU A 67 9.99 -7.82 -12.72
CA LEU A 67 10.37 -8.64 -11.58
C LEU A 67 9.41 -9.80 -11.33
N THR A 68 9.95 -11.01 -11.42
CA THR A 68 9.14 -12.22 -11.24
C THR A 68 9.52 -12.99 -9.98
N LYS A 69 10.81 -13.04 -9.68
CA LYS A 69 11.26 -13.74 -8.49
C LYS A 69 12.25 -12.89 -7.71
N LEU A 70 11.88 -12.51 -6.49
CA LEU A 70 12.76 -11.72 -5.65
C LEU A 70 13.36 -12.63 -4.57
N GLN A 71 14.66 -12.83 -4.66
CA GLN A 71 15.36 -13.66 -3.68
C GLN A 71 15.66 -12.78 -2.47
N VAL A 72 15.15 -13.18 -1.31
CA VAL A 72 15.37 -12.43 -0.08
C VAL A 72 16.39 -13.16 0.78
N ASP A 73 17.67 -12.93 0.50
CA ASP A 73 18.75 -13.60 1.22
C ASP A 73 19.18 -12.92 2.52
N GLY A 74 20.38 -12.34 2.48
CA GLY A 74 20.94 -11.68 3.65
C GLY A 74 20.15 -10.60 4.36
N THR A 75 20.81 -9.47 4.61
CA THR A 75 20.18 -8.35 5.30
C THR A 75 20.64 -6.99 4.81
N LEU A 76 19.67 -6.10 4.63
CA LEU A 76 19.93 -4.73 4.20
C LEU A 76 19.41 -3.94 5.40
N PRO A 77 20.23 -3.82 6.45
CA PRO A 77 19.94 -3.12 7.72
C PRO A 77 19.44 -1.68 7.71
N VAL A 78 19.77 -0.91 6.67
CA VAL A 78 19.31 0.47 6.64
C VAL A 78 18.33 0.79 5.51
N LEU A 79 17.92 -0.22 4.74
CA LEU A 79 16.98 0.05 3.65
C LEU A 79 15.64 0.49 4.23
N GLY A 80 15.20 1.69 3.87
CA GLY A 80 13.95 2.19 4.38
C GLY A 80 12.79 2.17 3.40
N THR A 81 13.08 2.24 2.11
CA THR A 81 12.03 2.23 1.09
C THR A 81 12.30 1.21 0.00
N LEU A 82 11.27 0.44 -0.35
CA LEU A 82 11.38 -0.58 -1.39
C LEU A 82 10.18 -0.48 -2.31
N ASP A 83 10.42 -0.10 -3.56
CA ASP A 83 9.34 0.03 -4.53
C ASP A 83 9.42 -1.16 -5.50
N LEU A 84 8.41 -2.02 -5.45
CA LEU A 84 8.34 -3.20 -6.32
C LEU A 84 7.11 -3.09 -7.23
N SER A 85 6.56 -1.90 -7.34
CA SER A 85 5.34 -1.71 -8.15
C SER A 85 5.49 -1.98 -9.64
N HIS A 86 4.39 -2.38 -10.25
CA HIS A 86 4.36 -2.65 -11.68
C HIS A 86 5.32 -3.75 -12.11
N ASN A 87 5.24 -4.86 -11.40
CA ASN A 87 6.07 -6.01 -11.69
C ASN A 87 5.15 -7.23 -11.86
N GLN A 88 5.74 -8.42 -11.91
CA GLN A 88 4.96 -9.63 -12.12
C GLN A 88 5.01 -10.65 -10.97
N LEU A 89 5.12 -10.14 -9.75
CA LEU A 89 5.17 -11.02 -8.58
C LEU A 89 3.83 -11.68 -8.31
N GLN A 90 3.83 -13.01 -8.18
CA GLN A 90 2.58 -13.72 -7.91
C GLN A 90 2.42 -14.03 -6.44
N SER A 91 3.47 -13.77 -5.67
CA SER A 91 3.47 -14.01 -4.24
C SER A 91 4.19 -12.86 -3.57
N LEU A 92 3.68 -12.44 -2.41
CA LEU A 92 4.31 -11.36 -1.68
C LEU A 92 5.62 -11.82 -1.06
N PRO A 93 6.72 -11.11 -1.35
CA PRO A 93 8.00 -11.50 -0.76
C PRO A 93 7.92 -11.34 0.76
N LEU A 94 8.53 -12.25 1.49
CA LEU A 94 8.55 -12.18 2.95
C LEU A 94 9.82 -11.40 3.27
N LEU A 95 9.64 -10.14 3.65
CA LEU A 95 10.77 -9.23 3.87
C LEU A 95 11.20 -8.88 5.29
N GLY A 96 10.41 -9.27 6.28
CA GLY A 96 10.72 -8.92 7.65
C GLY A 96 12.09 -9.25 8.21
N GLN A 97 12.61 -10.43 7.91
CA GLN A 97 13.92 -10.84 8.41
C GLN A 97 15.09 -10.24 7.64
N THR A 98 14.83 -9.69 6.46
CA THR A 98 15.88 -9.09 5.64
C THR A 98 15.91 -7.56 5.66
N LEU A 99 14.74 -6.94 5.78
CA LEU A 99 14.64 -5.49 5.78
C LEU A 99 14.00 -4.97 7.06
N PRO A 100 14.67 -5.16 8.21
CA PRO A 100 14.16 -4.73 9.51
C PRO A 100 13.80 -3.26 9.68
N ALA A 101 14.47 -2.37 8.94
CA ALA A 101 14.20 -0.94 9.07
C ALA A 101 13.25 -0.38 8.02
N LEU A 102 12.65 -1.26 7.23
CA LEU A 102 11.75 -0.81 6.18
C LEU A 102 10.57 0.01 6.70
N THR A 103 10.34 1.17 6.10
CA THR A 103 9.23 2.03 6.47
C THR A 103 8.20 2.17 5.35
N VAL A 104 8.64 1.95 4.11
CA VAL A 104 7.76 2.06 2.95
C VAL A 104 7.90 0.85 2.03
N LEU A 105 6.78 0.19 1.76
CA LEU A 105 6.76 -0.98 0.88
C LEU A 105 5.67 -0.81 -0.16
N ASP A 106 6.05 -0.83 -1.43
CA ASP A 106 5.07 -0.69 -2.49
C ASP A 106 5.12 -1.92 -3.39
N VAL A 107 4.02 -2.68 -3.40
CA VAL A 107 3.95 -3.86 -4.24
C VAL A 107 2.66 -3.75 -5.06
N SER A 108 2.32 -2.51 -5.42
CA SER A 108 1.14 -2.22 -6.21
C SER A 108 1.33 -2.76 -7.63
N PHE A 109 0.22 -3.04 -8.28
CA PHE A 109 0.22 -3.52 -9.66
C PHE A 109 1.17 -4.68 -9.97
N ASN A 110 1.01 -5.76 -9.20
CA ASN A 110 1.76 -6.98 -9.42
C ASN A 110 0.69 -8.02 -9.72
N ARG A 111 0.94 -9.29 -9.40
CA ARG A 111 -0.05 -10.32 -9.69
C ARG A 111 -0.45 -11.07 -8.43
N LEU A 112 -0.60 -10.36 -7.33
CA LEU A 112 -0.97 -10.98 -6.07
C LEU A 112 -2.44 -11.37 -6.03
N THR A 113 -2.72 -12.57 -5.54
CA THR A 113 -4.11 -13.03 -5.44
C THR A 113 -4.47 -13.32 -4.00
N SER A 114 -3.46 -13.33 -3.12
CA SER A 114 -3.69 -13.56 -1.70
C SER A 114 -2.44 -13.14 -0.93
N LEU A 115 -2.56 -13.04 0.39
CA LEU A 115 -1.44 -12.69 1.25
C LEU A 115 -1.30 -13.79 2.29
N PRO A 116 -0.06 -14.22 2.58
CA PRO A 116 0.19 -15.27 3.56
C PRO A 116 0.12 -14.85 5.02
N LEU A 117 0.01 -15.83 5.92
CA LEU A 117 -0.05 -15.56 7.35
C LEU A 117 1.22 -14.89 7.86
N GLY A 118 2.37 -15.26 7.31
CA GLY A 118 3.60 -14.64 7.79
C GLY A 118 3.86 -13.25 7.24
N ALA A 119 3.18 -12.93 6.14
CA ALA A 119 3.31 -11.68 5.41
C ALA A 119 4.20 -10.54 5.90
N LEU A 120 3.74 -9.77 6.88
CA LEU A 120 4.48 -8.61 7.37
C LEU A 120 5.24 -8.78 8.69
N ARG A 121 5.42 -10.02 9.12
CA ARG A 121 6.14 -10.28 10.37
C ARG A 121 7.53 -9.67 10.30
N GLY A 122 7.93 -8.96 11.35
CA GLY A 122 9.25 -8.35 11.37
C GLY A 122 9.36 -6.94 10.83
N LEU A 123 8.30 -6.44 10.18
CA LEU A 123 8.32 -5.09 9.63
C LEU A 123 7.71 -4.08 10.59
N GLY A 124 8.17 -4.11 11.84
CA GLY A 124 7.65 -3.22 12.86
C GLY A 124 7.77 -1.73 12.63
N GLU A 125 8.66 -1.32 11.74
CA GLU A 125 8.84 0.11 11.47
C GLU A 125 8.01 0.57 10.27
N LEU A 126 7.30 -0.35 9.64
CA LEU A 126 6.52 0.01 8.44
C LEU A 126 5.52 1.14 8.68
N GLN A 127 5.58 2.14 7.80
CA GLN A 127 4.69 3.30 7.88
C GLN A 127 3.76 3.44 6.68
N GLU A 128 4.17 2.91 5.54
CA GLU A 128 3.35 2.98 4.33
C GLU A 128 3.37 1.65 3.61
N LEU A 129 2.18 1.12 3.31
CA LEU A 129 2.05 -0.16 2.61
C LEU A 129 1.09 0.05 1.45
N TYR A 130 1.60 -0.16 0.24
CA TYR A 130 0.80 0.02 -0.96
C TYR A 130 0.62 -1.30 -1.70
N LEU A 131 -0.63 -1.72 -1.86
CA LEU A 131 -0.92 -2.99 -2.55
C LEU A 131 -2.01 -2.79 -3.60
N LYS A 132 -2.16 -1.55 -4.07
CA LYS A 132 -3.15 -1.21 -5.07
C LYS A 132 -2.98 -1.95 -6.39
N GLY A 133 -4.09 -2.25 -7.05
CA GLY A 133 -4.02 -2.89 -8.35
C GLY A 133 -3.66 -4.35 -8.45
N ASN A 134 -3.83 -5.10 -7.37
CA ASN A 134 -3.59 -6.54 -7.43
C ASN A 134 -4.98 -7.19 -7.52
N GLU A 135 -5.08 -8.47 -7.21
CA GLU A 135 -6.39 -9.14 -7.28
C GLU A 135 -6.75 -9.80 -5.96
N LEU A 136 -6.46 -9.13 -4.85
CA LEU A 136 -6.77 -9.69 -3.54
C LEU A 136 -8.28 -9.77 -3.37
N LYS A 137 -8.77 -10.90 -2.87
CA LYS A 137 -10.21 -11.10 -2.66
C LYS A 137 -10.53 -10.97 -1.18
N THR A 138 -9.61 -11.45 -0.34
CA THR A 138 -9.78 -11.38 1.11
C THR A 138 -8.41 -11.16 1.76
N LEU A 139 -8.42 -10.78 3.03
CA LEU A 139 -7.17 -10.52 3.73
C LEU A 139 -7.04 -11.40 4.96
N PRO A 140 -5.81 -11.81 5.29
CA PRO A 140 -5.72 -12.65 6.48
C PRO A 140 -5.98 -11.80 7.73
N PRO A 141 -6.68 -12.37 8.71
CA PRO A 141 -6.91 -11.56 9.90
C PRO A 141 -5.52 -11.41 10.54
N GLY A 142 -5.23 -10.25 11.10
CA GLY A 142 -3.92 -10.07 11.70
C GLY A 142 -2.85 -9.64 10.71
N LEU A 143 -3.25 -9.37 9.47
CA LEU A 143 -2.30 -8.94 8.45
C LEU A 143 -1.44 -7.77 8.93
N LEU A 144 -2.08 -6.81 9.61
CA LEU A 144 -1.38 -5.61 10.07
C LEU A 144 -0.95 -5.61 11.53
N THR A 145 -1.06 -6.74 12.21
CA THR A 145 -0.64 -6.78 13.61
C THR A 145 0.86 -6.52 13.78
N PRO A 146 1.69 -6.86 12.77
CA PRO A 146 3.13 -6.60 12.93
C PRO A 146 3.53 -5.15 12.64
N THR A 147 2.58 -4.37 12.11
CA THR A 147 2.85 -2.98 11.74
C THR A 147 2.00 -1.92 12.44
N PRO A 148 2.16 -1.76 13.75
CA PRO A 148 1.39 -0.78 14.53
C PRO A 148 1.62 0.69 14.19
N LYS A 149 2.74 1.01 13.54
CA LYS A 149 3.04 2.40 13.20
C LYS A 149 2.54 2.79 11.81
N LEU A 150 1.76 1.92 11.18
CA LEU A 150 1.26 2.23 9.83
C LEU A 150 0.51 3.55 9.75
N GLU A 151 0.88 4.37 8.76
CA GLU A 151 0.26 5.68 8.56
C GLU A 151 -0.57 5.71 7.28
N LYS A 152 -0.13 4.96 6.27
CA LYS A 152 -0.85 4.93 4.99
C LYS A 152 -1.01 3.49 4.52
N LEU A 153 -2.23 3.14 4.16
CA LEU A 153 -2.54 1.79 3.68
C LEU A 153 -3.37 1.86 2.41
N SER A 154 -2.89 1.24 1.35
CA SER A 154 -3.63 1.24 0.09
C SER A 154 -3.98 -0.17 -0.36
N LEU A 155 -5.28 -0.43 -0.47
CA LEU A 155 -5.78 -1.72 -0.92
C LEU A 155 -6.74 -1.43 -2.07
N ALA A 156 -6.59 -0.25 -2.66
CA ALA A 156 -7.45 0.15 -3.75
C ALA A 156 -7.34 -0.74 -4.99
N ASN A 157 -8.42 -0.76 -5.77
CA ASN A 157 -8.46 -1.52 -7.00
C ASN A 157 -8.03 -2.98 -6.93
N ASN A 158 -8.52 -3.68 -5.93
CA ASN A 158 -8.25 -5.10 -5.80
C ASN A 158 -9.62 -5.74 -6.03
N ASN A 159 -9.84 -6.93 -5.48
CA ASN A 159 -11.12 -7.62 -5.66
C ASN A 159 -11.73 -7.98 -4.32
N LEU A 160 -11.49 -7.13 -3.32
CA LEU A 160 -11.99 -7.39 -1.96
C LEU A 160 -13.51 -7.35 -1.85
N THR A 161 -14.07 -8.35 -1.20
CA THR A 161 -15.52 -8.42 -1.00
C THR A 161 -15.85 -8.11 0.46
N GLU A 162 -14.85 -8.22 1.33
CA GLU A 162 -15.05 -7.94 2.74
C GLU A 162 -13.72 -7.64 3.42
N LEU A 163 -13.79 -6.99 4.57
CA LEU A 163 -12.61 -6.65 5.35
C LEU A 163 -12.72 -7.36 6.69
N PRO A 164 -11.59 -7.88 7.20
CA PRO A 164 -11.60 -8.58 8.48
C PRO A 164 -11.98 -7.64 9.60
N ALA A 165 -12.80 -8.11 10.54
CA ALA A 165 -13.17 -7.28 11.67
C ALA A 165 -11.85 -7.04 12.41
N GLY A 166 -11.63 -5.82 12.88
CA GLY A 166 -10.42 -5.51 13.62
C GLY A 166 -9.18 -5.18 12.80
N LEU A 167 -9.30 -5.17 11.47
CA LEU A 167 -8.16 -4.85 10.61
C LEU A 167 -7.39 -3.60 11.04
N LEU A 168 -8.12 -2.57 11.47
CA LEU A 168 -7.50 -1.30 11.85
C LEU A 168 -7.24 -1.10 13.33
N ASN A 169 -7.67 -2.04 14.16
CA ASN A 169 -7.45 -1.90 15.59
C ASN A 169 -5.95 -1.92 15.85
N GLY A 170 -5.48 -0.98 16.67
CA GLY A 170 -4.06 -0.92 16.98
C GLY A 170 -3.28 0.05 16.10
N LEU A 171 -3.90 0.52 15.03
CA LEU A 171 -3.25 1.47 14.12
C LEU A 171 -3.63 2.88 14.54
N GLU A 172 -3.06 3.34 15.65
CA GLU A 172 -3.36 4.66 16.18
C GLU A 172 -2.67 5.81 15.47
N ASN A 173 -1.93 5.51 14.40
CA ASN A 173 -1.23 6.56 13.65
C ASN A 173 -1.71 6.59 12.19
N LEU A 174 -2.74 5.82 11.87
CA LEU A 174 -3.24 5.78 10.49
C LEU A 174 -3.84 7.10 10.01
N ASP A 175 -3.34 7.62 8.89
CA ASP A 175 -3.88 8.88 8.37
C ASP A 175 -4.54 8.74 7.01
N THR A 176 -4.13 7.73 6.23
CA THR A 176 -4.70 7.53 4.91
C THR A 176 -5.08 6.08 4.66
N LEU A 177 -6.32 5.87 4.24
CA LEU A 177 -6.83 4.53 3.95
C LEU A 177 -7.48 4.56 2.57
N LEU A 178 -6.91 3.80 1.63
CA LEU A 178 -7.43 3.75 0.27
C LEU A 178 -8.07 2.38 0.00
N LEU A 179 -9.40 2.37 -0.14
CA LEU A 179 -10.15 1.14 -0.36
C LEU A 179 -11.07 1.26 -1.56
N GLN A 180 -10.93 2.31 -2.36
CA GLN A 180 -11.79 2.51 -3.51
C GLN A 180 -11.65 1.44 -4.59
N GLU A 181 -12.69 1.29 -5.39
CA GLU A 181 -12.70 0.35 -6.51
C GLU A 181 -12.48 -1.12 -6.16
N ASN A 182 -13.16 -1.60 -5.12
CA ASN A 182 -13.08 -3.00 -4.76
C ASN A 182 -14.50 -3.50 -4.93
N SER A 183 -14.84 -4.60 -4.27
CA SER A 183 -16.20 -5.13 -4.34
C SER A 183 -16.77 -5.21 -2.93
N LEU A 184 -16.41 -4.25 -2.09
CA LEU A 184 -16.86 -4.24 -0.70
C LEU A 184 -18.35 -3.99 -0.57
N TYR A 185 -19.00 -4.79 0.28
CA TYR A 185 -20.45 -4.69 0.50
C TYR A 185 -20.82 -4.07 1.83
N THR A 186 -19.94 -4.18 2.82
CA THR A 186 -20.27 -3.62 4.12
C THR A 186 -19.00 -3.36 4.94
N ILE A 187 -19.18 -2.71 6.08
CA ILE A 187 -18.08 -2.42 6.99
C ILE A 187 -18.43 -3.03 8.35
N PRO A 188 -17.51 -3.84 8.91
CA PRO A 188 -17.75 -4.48 10.22
C PRO A 188 -18.09 -3.42 11.27
N LYS A 189 -18.98 -3.75 12.19
CA LYS A 189 -19.37 -2.79 13.23
C LYS A 189 -18.15 -2.43 14.08
N GLY A 190 -17.97 -1.13 14.32
CA GLY A 190 -16.85 -0.64 15.12
C GLY A 190 -15.51 -0.68 14.40
N PHE A 191 -15.55 -0.89 13.10
CA PHE A 191 -14.34 -0.99 12.27
C PHE A 191 -13.32 0.13 12.45
N PHE A 192 -13.79 1.36 12.55
CA PHE A 192 -12.89 2.50 12.68
C PHE A 192 -12.51 2.87 14.10
N GLY A 193 -13.08 2.17 15.08
CA GLY A 193 -12.77 2.45 16.47
C GLY A 193 -12.99 3.90 16.85
N SER A 194 -12.10 4.43 17.70
CA SER A 194 -12.21 5.82 18.15
C SER A 194 -11.12 6.67 17.53
N HIS A 195 -10.44 6.12 16.54
CA HIS A 195 -9.36 6.82 15.87
C HIS A 195 -9.88 7.78 14.81
N LEU A 196 -9.25 8.95 14.72
CA LEU A 196 -9.63 9.94 13.72
C LEU A 196 -8.83 9.64 12.46
N LEU A 197 -9.52 9.25 11.40
CA LEU A 197 -8.89 8.93 10.12
C LEU A 197 -9.15 10.10 9.19
N PRO A 198 -8.14 10.95 8.97
CA PRO A 198 -8.26 12.14 8.11
C PRO A 198 -8.51 11.93 6.63
N PHE A 199 -7.95 10.89 6.03
CA PHE A 199 -8.14 10.68 4.60
C PHE A 199 -8.58 9.27 4.27
N ALA A 200 -9.86 9.10 3.99
CA ALA A 200 -10.42 7.79 3.64
C ALA A 200 -11.07 7.83 2.25
N PHE A 201 -10.75 6.82 1.44
CA PHE A 201 -11.30 6.71 0.09
C PHE A 201 -12.09 5.42 0.06
N LEU A 202 -13.41 5.54 -0.07
CA LEU A 202 -14.30 4.38 -0.03
C LEU A 202 -15.24 4.26 -1.23
N HIS A 203 -15.08 5.16 -2.20
CA HIS A 203 -15.91 5.16 -3.39
C HIS A 203 -15.65 3.99 -4.33
N GLY A 204 -16.53 3.81 -5.30
CA GLY A 204 -16.36 2.73 -6.26
C GLY A 204 -16.57 1.32 -5.71
N ASN A 205 -17.32 1.20 -4.61
CA ASN A 205 -17.62 -0.10 -4.01
C ASN A 205 -19.14 -0.27 -4.03
N PRO A 206 -19.61 -1.49 -4.26
CA PRO A 206 -21.05 -1.78 -4.32
C PRO A 206 -21.64 -2.00 -2.93
N TRP A 207 -21.59 -0.96 -2.10
CA TRP A 207 -22.10 -1.06 -0.73
C TRP A 207 -23.53 -1.57 -0.70
N LEU A 208 -23.79 -2.55 0.16
CA LEU A 208 -25.13 -3.12 0.30
C LEU A 208 -25.81 -2.38 1.43
N CYS A 209 -26.81 -1.58 1.08
CA CYS A 209 -27.51 -0.80 2.08
C CYS A 209 -28.67 -1.54 2.72
N ASN A 210 -28.34 -2.19 3.84
CA ASN A 210 -29.30 -2.94 4.63
C ASN A 210 -29.07 -2.48 6.08
N CYS A 211 -29.72 -3.12 7.05
CA CYS A 211 -29.56 -2.69 8.42
C CYS A 211 -28.12 -2.82 8.92
N GLU A 212 -27.35 -3.67 8.27
CA GLU A 212 -25.95 -3.89 8.65
C GLU A 212 -25.03 -2.77 8.22
N ILE A 213 -25.52 -1.86 7.37
CA ILE A 213 -24.70 -0.75 6.92
C ILE A 213 -24.86 0.47 7.84
N LEU A 214 -25.73 0.38 8.85
CA LEU A 214 -25.96 1.52 9.74
C LEU A 214 -24.75 2.04 10.53
N TYR A 215 -23.83 1.16 10.92
CA TYR A 215 -22.65 1.62 11.62
C TYR A 215 -21.86 2.53 10.67
N PHE A 216 -21.71 2.06 9.44
CA PHE A 216 -20.97 2.79 8.41
C PHE A 216 -21.69 4.11 8.09
N ARG A 217 -23.02 4.06 8.01
CA ARG A 217 -23.80 5.26 7.72
C ARG A 217 -23.51 6.36 8.75
N ARG A 218 -23.54 5.98 10.03
CA ARG A 218 -23.28 6.94 11.09
C ARG A 218 -21.83 7.45 11.04
N TRP A 219 -20.90 6.55 10.78
CA TRP A 219 -19.50 6.95 10.71
C TRP A 219 -19.29 7.98 9.59
N LEU A 220 -19.93 7.77 8.45
CA LEU A 220 -19.82 8.67 7.31
C LEU A 220 -20.36 10.07 7.63
N GLN A 221 -21.45 10.10 8.38
CA GLN A 221 -22.05 11.38 8.77
C GLN A 221 -21.12 12.11 9.72
N ASP A 222 -20.52 11.38 10.65
CA ASP A 222 -19.62 11.98 11.63
C ASP A 222 -18.25 12.29 11.05
N ASN A 223 -17.94 11.70 9.89
CA ASN A 223 -16.64 11.90 9.25
C ASN A 223 -16.73 12.39 7.81
N ALA A 224 -17.82 13.08 7.49
CA ALA A 224 -18.03 13.58 6.13
C ALA A 224 -16.85 14.37 5.55
N GLU A 225 -16.14 15.10 6.40
CA GLU A 225 -15.01 15.92 5.95
C GLU A 225 -13.71 15.13 5.79
N ASN A 226 -13.76 13.82 6.05
CA ASN A 226 -12.59 12.97 5.95
C ASN A 226 -12.71 11.94 4.84
N VAL A 227 -13.77 12.05 4.03
CA VAL A 227 -14.00 11.11 2.94
C VAL A 227 -13.71 11.80 1.61
N TYR A 228 -12.82 11.21 0.81
CA TYR A 228 -12.43 11.80 -0.47
C TYR A 228 -12.52 10.87 -1.68
N VAL A 229 -12.37 11.47 -2.86
CA VAL A 229 -12.39 10.73 -4.11
C VAL A 229 -10.98 10.78 -4.67
N TRP A 230 -10.44 9.63 -5.08
CA TRP A 230 -9.09 9.58 -5.61
C TRP A 230 -8.98 10.25 -6.97
N LYS A 231 -7.88 10.96 -7.17
CA LYS A 231 -7.59 11.64 -8.43
C LYS A 231 -6.10 11.44 -8.69
N GLN A 232 -5.81 10.68 -9.74
CA GLN A 232 -4.45 10.34 -10.11
C GLN A 232 -3.50 11.54 -10.25
N GLY A 233 -2.34 11.42 -9.61
CA GLY A 233 -1.33 12.47 -9.68
C GLY A 233 -1.56 13.73 -8.89
N VAL A 234 -2.60 13.75 -8.06
CA VAL A 234 -2.90 14.94 -7.28
C VAL A 234 -2.86 14.67 -5.77
N ASP A 235 -2.19 15.56 -5.05
CA ASP A 235 -2.07 15.44 -3.60
C ASP A 235 -3.36 15.96 -2.95
N VAL A 236 -3.69 15.42 -1.79
CA VAL A 236 -4.90 15.85 -1.09
C VAL A 236 -4.63 17.18 -0.40
N LYS A 237 -3.98 18.07 -1.13
CA LYS A 237 -3.63 19.41 -0.64
C LYS A 237 -4.70 19.92 0.32
N ALA A 238 -5.88 20.14 -0.23
CA ALA A 238 -7.03 20.62 0.53
C ALA A 238 -8.25 20.11 -0.22
N MET A 239 -7.99 19.24 -1.19
CA MET A 239 -9.02 18.65 -2.03
C MET A 239 -10.33 18.57 -1.26
N THR A 240 -11.39 19.08 -1.86
CA THR A 240 -12.69 19.08 -1.23
C THR A 240 -13.11 17.65 -0.91
N SER A 241 -13.63 17.43 0.29
CA SER A 241 -14.09 16.10 0.67
C SER A 241 -15.38 15.85 -0.10
N ASN A 242 -15.82 14.59 -0.15
CA ASN A 242 -17.04 14.26 -0.86
C ASN A 242 -17.62 12.96 -0.32
N VAL A 243 -18.31 13.07 0.80
CA VAL A 243 -18.92 11.90 1.45
C VAL A 243 -19.96 11.24 0.55
N ALA A 244 -20.59 12.04 -0.32
CA ALA A 244 -21.61 11.52 -1.22
C ALA A 244 -21.05 10.52 -2.23
N SER A 245 -19.72 10.40 -2.29
CA SER A 245 -19.07 9.47 -3.22
C SER A 245 -19.23 8.01 -2.79
N VAL A 246 -19.56 7.79 -1.51
CA VAL A 246 -19.74 6.44 -0.97
C VAL A 246 -21.21 6.12 -1.22
N GLN A 247 -21.47 5.21 -2.15
CA GLN A 247 -22.84 4.91 -2.56
C GLN A 247 -23.37 3.49 -2.51
N CYS A 248 -24.66 3.37 -2.22
CA CYS A 248 -25.34 2.09 -2.17
C CYS A 248 -25.25 1.52 -3.59
N ASP A 249 -24.76 0.30 -3.72
CA ASP A 249 -24.62 -0.35 -5.02
C ASP A 249 -23.85 0.53 -6.00
N ASN A 250 -23.03 1.44 -5.46
CA ASN A 250 -22.26 2.37 -6.28
C ASN A 250 -23.18 3.14 -7.20
N SER A 251 -24.36 3.49 -6.68
CA SER A 251 -25.36 4.25 -7.44
C SER A 251 -25.32 5.72 -7.00
N ASP A 252 -24.94 6.59 -7.93
CA ASP A 252 -24.79 8.02 -7.67
C ASP A 252 -25.92 8.74 -6.92
N LYS A 253 -27.16 8.36 -7.15
CA LYS A 253 -28.26 9.04 -6.48
C LYS A 253 -28.60 8.50 -5.09
N PHE A 254 -27.85 7.50 -4.63
CA PHE A 254 -28.13 6.91 -3.33
C PHE A 254 -26.91 6.76 -2.43
N PRO A 255 -26.39 7.90 -1.94
CA PRO A 255 -25.22 7.88 -1.06
C PRO A 255 -25.58 7.17 0.24
N VAL A 256 -24.63 6.40 0.77
CA VAL A 256 -24.85 5.64 2.00
C VAL A 256 -25.22 6.53 3.19
N TYR A 257 -24.62 7.71 3.28
CA TYR A 257 -24.90 8.57 4.42
C TYR A 257 -26.33 9.13 4.43
N LYS A 258 -27.07 8.86 3.37
CA LYS A 258 -28.46 9.32 3.25
C LYS A 258 -29.43 8.14 3.28
N TYR A 259 -28.90 6.92 3.33
CA TYR A 259 -29.72 5.71 3.36
C TYR A 259 -30.68 5.80 4.55
N PRO A 260 -32.00 5.73 4.29
CA PRO A 260 -33.02 5.81 5.34
C PRO A 260 -33.02 4.70 6.40
N GLY A 261 -32.77 3.47 5.97
CA GLY A 261 -32.74 2.36 6.90
C GLY A 261 -34.10 2.02 7.47
N LYS A 262 -35.13 2.12 6.64
CA LYS A 262 -36.50 1.82 7.08
C LYS A 262 -36.60 0.38 7.55
N GLY A 263 -37.14 0.20 8.75
CA GLY A 263 -37.29 -1.14 9.30
C GLY A 263 -35.99 -1.69 9.86
N CYS A 264 -35.25 -0.86 10.60
CA CYS A 264 -33.98 -1.28 11.19
C CYS A 264 -33.88 -0.90 12.67
N PRO A 265 -33.44 -1.85 13.51
CA PRO A 265 -33.29 -1.62 14.95
C PRO A 265 -32.39 -0.42 15.23
N THR A 266 -32.55 0.17 16.41
CA THR A 266 -31.76 1.32 16.80
C THR A 266 -30.29 0.93 17.02
#